data_7QTO
#
_entry.id   7QTO
#
_cell.length_a   56.909
_cell.length_b   57.009
_cell.length_c   61.598
_cell.angle_alpha   90.000
_cell.angle_beta   117.372
_cell.angle_gamma   90.000
#
_symmetry.space_group_name_H-M   'I 1 2 1'
#
loop_
_entity.id
_entity.type
_entity.pdbx_description
1 polymer 'Protein scribble homolog'
2 polymer 'Non-structural protein 1'
#
loop_
_entity_poly.entity_id
_entity_poly.type
_entity_poly.pdbx_seq_one_letter_code
_entity_poly.pdbx_strand_id
1 'polypeptide(L)'
;SAPSVKGVSFDQANNLLIEPARIEEEELTLTILRQTGGLGISIAGGKGSTPYKGDDEGIFISRVSEEGPAARAGVRVGDK
LLEVNGVALQGAEHHEAVEALRGAGTAVQMRVWRERM
;
A,B
2 'polypeptide(L)' ARTIESEV C,D
#
# COMPACT_ATOMS: atom_id res chain seq x y z
N ALA A 21 -28.89 -4.44 -27.04
CA ALA A 21 -28.09 -3.83 -28.10
C ALA A 21 -26.92 -3.04 -27.51
N ARG A 22 -26.83 -3.03 -26.19
CA ARG A 22 -25.78 -2.31 -25.48
C ARG A 22 -25.86 -2.66 -24.01
N ILE A 23 -24.81 -2.30 -23.27
CA ILE A 23 -24.72 -2.56 -21.83
C ILE A 23 -24.42 -1.24 -21.14
N GLU A 24 -25.32 -0.82 -20.24
CA GLU A 24 -25.13 0.40 -19.49
C GLU A 24 -24.31 0.19 -18.22
N GLU A 25 -24.40 -0.99 -17.62
CA GLU A 25 -23.63 -1.31 -16.42
C GLU A 25 -23.91 -2.75 -15.99
N GLU A 26 -22.95 -3.38 -15.32
CA GLU A 26 -23.09 -4.78 -14.95
C GLU A 26 -22.15 -5.11 -13.82
N GLU A 27 -22.47 -6.19 -13.10
CA GLU A 27 -21.67 -6.70 -12.00
C GLU A 27 -21.15 -8.07 -12.36
N LEU A 28 -19.85 -8.31 -12.15
CA LEU A 28 -19.23 -9.56 -12.51
C LEU A 28 -18.64 -10.25 -11.29
N THR A 29 -18.47 -11.57 -11.41
CA THR A 29 -17.88 -12.41 -10.38
C THR A 29 -16.66 -13.09 -10.98
N LEU A 30 -15.59 -12.32 -11.17
CA LEU A 30 -14.41 -12.77 -11.88
C LEU A 30 -13.41 -13.37 -10.90
N THR A 31 -12.94 -14.58 -11.19
CA THR A 31 -12.01 -15.31 -10.33
C THR A 31 -10.68 -15.43 -11.06
N ILE A 32 -9.66 -14.75 -10.52
CA ILE A 32 -8.32 -14.81 -11.08
C ILE A 32 -7.55 -15.94 -10.42
N LEU A 33 -6.46 -16.37 -11.06
CA LEU A 33 -5.62 -17.46 -10.55
C LEU A 33 -4.17 -17.11 -10.85
N ARG A 34 -3.43 -16.72 -9.82
CA ARG A 34 -2.04 -16.35 -9.95
C ARG A 34 -1.16 -17.60 -10.06
N LEU A 39 -0.64 -9.97 -9.25
CA LEU A 39 -1.96 -10.08 -9.85
C LEU A 39 -2.06 -9.23 -11.11
N GLY A 40 -1.11 -8.32 -11.28
CA GLY A 40 -1.07 -7.49 -12.47
C GLY A 40 -2.14 -6.43 -12.53
N ILE A 41 -2.53 -5.89 -11.38
CA ILE A 41 -3.47 -4.78 -11.31
C ILE A 41 -2.91 -3.75 -10.33
N SER A 42 -3.50 -2.55 -10.36
CA SER A 42 -3.11 -1.46 -9.46
C SER A 42 -4.39 -0.80 -8.97
N ILE A 43 -4.77 -1.10 -7.73
CA ILE A 43 -5.99 -0.54 -7.16
C ILE A 43 -5.74 0.89 -6.75
N ALA A 44 -6.76 1.73 -6.90
CA ALA A 44 -6.67 3.14 -6.55
C ALA A 44 -7.92 3.55 -5.78
N GLY A 45 -7.84 4.70 -5.12
CA GLY A 45 -8.96 5.19 -4.35
C GLY A 45 -9.02 4.54 -2.98
N GLY A 46 -10.21 4.60 -2.40
CA GLY A 46 -10.45 4.17 -1.03
C GLY A 46 -10.80 5.37 -0.17
N LYS A 47 -11.70 5.15 0.78
CA LYS A 47 -12.14 6.24 1.64
C LYS A 47 -10.96 6.90 2.32
N GLY A 48 -10.86 8.22 2.18
CA GLY A 48 -9.76 8.97 2.75
C GLY A 48 -8.66 9.34 1.79
N SER A 49 -8.78 8.96 0.51
CA SER A 49 -7.80 9.29 -0.50
C SER A 49 -8.51 9.89 -1.70
N THR A 50 -7.79 10.75 -2.42
CA THR A 50 -8.38 11.41 -3.58
C THR A 50 -8.96 10.37 -4.53
N PRO A 51 -10.22 10.50 -4.94
CA PRO A 51 -10.89 9.41 -5.65
C PRO A 51 -10.39 9.24 -7.07
N TYR A 52 -10.45 8.00 -7.55
CA TYR A 52 -10.06 7.71 -8.93
C TYR A 52 -11.02 8.37 -9.91
N LYS A 53 -12.33 8.20 -9.68
CA LYS A 53 -13.34 8.88 -10.47
C LYS A 53 -13.73 10.20 -9.80
N GLY A 54 -14.54 10.98 -10.51
CA GLY A 54 -14.80 12.34 -10.07
C GLY A 54 -15.35 12.44 -8.66
N ASP A 55 -16.30 11.56 -8.31
CA ASP A 55 -16.98 11.67 -7.04
C ASP A 55 -17.13 10.33 -6.34
N ASP A 56 -16.27 9.36 -6.64
CA ASP A 56 -16.39 8.01 -6.08
C ASP A 56 -15.10 7.66 -5.37
N GLU A 57 -15.16 7.64 -4.03
CA GLU A 57 -14.02 7.28 -3.20
C GLU A 57 -13.77 5.77 -3.14
N GLY A 58 -14.51 4.99 -3.93
CA GLY A 58 -14.38 3.55 -3.87
C GLY A 58 -13.12 3.04 -4.54
N ILE A 59 -12.80 1.78 -4.22
CA ILE A 59 -11.58 1.16 -4.75
C ILE A 59 -11.78 0.82 -6.22
N PHE A 60 -10.85 1.25 -7.05
CA PHE A 60 -10.93 1.08 -8.50
C PHE A 60 -9.72 0.32 -9.02
N ILE A 61 -9.89 -0.29 -10.18
CA ILE A 61 -8.78 -0.91 -10.91
C ILE A 61 -8.25 0.15 -11.88
N SER A 62 -7.06 0.67 -11.60
CA SER A 62 -6.53 1.78 -12.38
C SER A 62 -5.63 1.32 -13.53
N ARG A 63 -4.75 0.35 -13.29
CA ARG A 63 -3.86 -0.17 -14.31
C ARG A 63 -3.88 -1.69 -14.27
N VAL A 64 -3.92 -2.31 -15.45
CA VAL A 64 -3.96 -3.76 -15.59
C VAL A 64 -2.93 -4.15 -16.63
N SER A 65 -1.87 -4.85 -16.19
CA SER A 65 -0.87 -5.35 -17.13
C SER A 65 -1.52 -6.31 -18.12
N GLU A 66 -1.26 -6.08 -19.42
CA GLU A 66 -1.87 -6.92 -20.45
C GLU A 66 -1.58 -8.39 -20.21
N GLU A 67 -0.38 -8.70 -19.73
CA GLU A 67 0.04 -10.10 -19.66
C GLU A 67 -0.44 -10.80 -18.39
N GLY A 68 -0.56 -10.07 -17.29
CA GLY A 68 -0.76 -10.68 -15.99
C GLY A 68 -2.01 -11.51 -15.87
N PRO A 69 -2.17 -12.17 -14.71
CA PRO A 69 -3.34 -13.03 -14.50
C PRO A 69 -4.67 -12.28 -14.52
N ALA A 70 -4.72 -11.08 -13.91
CA ALA A 70 -5.97 -10.32 -13.90
C ALA A 70 -6.45 -10.05 -15.32
N ALA A 71 -5.53 -9.68 -16.22
CA ALA A 71 -5.92 -9.41 -17.61
C ALA A 71 -6.66 -10.59 -18.22
N ARG A 72 -6.08 -11.79 -18.12
CA ARG A 72 -6.70 -12.96 -18.72
C ARG A 72 -8.05 -13.27 -18.10
N ALA A 73 -8.20 -13.02 -16.80
CA ALA A 73 -9.41 -13.40 -16.08
C ALA A 73 -10.59 -12.46 -16.32
N GLY A 74 -10.41 -11.42 -17.13
CA GLY A 74 -11.49 -10.52 -17.48
C GLY A 74 -11.47 -9.18 -16.78
N VAL A 75 -10.60 -8.99 -15.79
CA VAL A 75 -10.51 -7.70 -15.11
C VAL A 75 -10.10 -6.63 -16.11
N ARG A 76 -10.75 -5.48 -16.04
CA ARG A 76 -10.45 -4.35 -16.90
C ARG A 76 -10.26 -3.10 -16.06
N VAL A 77 -9.47 -2.16 -16.61
CA VAL A 77 -9.32 -0.86 -15.95
C VAL A 77 -10.68 -0.19 -15.86
N GLY A 78 -10.94 0.44 -14.71
CA GLY A 78 -12.20 1.12 -14.48
C GLY A 78 -13.23 0.30 -13.73
N ASP A 79 -12.95 -0.96 -13.45
CA ASP A 79 -13.88 -1.76 -12.66
C ASP A 79 -13.85 -1.32 -11.20
N LYS A 80 -15.00 -1.44 -10.54
CA LYS A 80 -15.15 -1.02 -9.15
C LYS A 80 -15.09 -2.24 -8.25
N LEU A 81 -14.01 -2.37 -7.49
CA LEU A 81 -13.86 -3.47 -6.54
C LEU A 81 -14.97 -3.41 -5.50
N LEU A 82 -15.87 -4.40 -5.50
CA LEU A 82 -16.98 -4.47 -4.56
C LEU A 82 -16.74 -5.47 -3.45
N GLU A 83 -16.11 -6.61 -3.75
CA GLU A 83 -15.90 -7.67 -2.79
C GLU A 83 -14.76 -8.54 -3.27
N VAL A 84 -13.93 -9.00 -2.34
CA VAL A 84 -12.71 -9.73 -2.65
C VAL A 84 -12.63 -10.93 -1.71
N ASN A 85 -12.74 -12.14 -2.26
CA ASN A 85 -12.61 -13.38 -1.49
C ASN A 85 -13.62 -13.42 -0.34
N GLY A 86 -14.85 -12.99 -0.62
CA GLY A 86 -15.90 -13.00 0.37
C GLY A 86 -15.91 -11.81 1.31
N VAL A 87 -14.86 -11.01 1.33
CA VAL A 87 -14.81 -9.80 2.15
C VAL A 87 -15.35 -8.64 1.32
N ALA A 88 -16.18 -7.81 1.94
CA ALA A 88 -16.80 -6.70 1.25
C ALA A 88 -15.89 -5.48 1.32
N LEU A 89 -15.54 -4.93 0.15
CA LEU A 89 -14.78 -3.69 0.06
C LEU A 89 -15.64 -2.54 -0.46
N GLN A 90 -16.96 -2.67 -0.39
CA GLN A 90 -17.85 -1.57 -0.74
C GLN A 90 -17.73 -0.48 0.33
N GLY A 91 -17.06 0.62 -0.02
CA GLY A 91 -16.87 1.71 0.91
C GLY A 91 -15.90 1.37 2.02
N ALA A 92 -14.73 0.86 1.65
CA ALA A 92 -13.70 0.46 2.60
C ALA A 92 -12.42 1.26 2.34
N GLU A 93 -11.56 1.30 3.36
CA GLU A 93 -10.34 2.08 3.28
C GLU A 93 -9.37 1.46 2.28
N HIS A 94 -8.36 2.24 1.90
CA HIS A 94 -7.41 1.78 0.88
C HIS A 94 -6.67 0.54 1.32
N HIS A 95 -6.04 0.58 2.51
CA HIS A 95 -5.28 -0.58 2.96
C HIS A 95 -6.17 -1.79 3.21
N GLU A 96 -7.47 -1.58 3.46
CA GLU A 96 -8.40 -2.71 3.51
C GLU A 96 -8.50 -3.38 2.14
N ALA A 97 -8.58 -2.58 1.08
CA ALA A 97 -8.68 -3.15 -0.26
C ALA A 97 -7.37 -3.81 -0.67
N VAL A 98 -6.23 -3.24 -0.25
CA VAL A 98 -4.94 -3.84 -0.57
C VAL A 98 -4.73 -5.12 0.23
N GLU A 99 -4.99 -5.06 1.54
CA GLU A 99 -4.80 -6.23 2.38
C GLU A 99 -5.62 -7.41 1.86
N ALA A 100 -6.81 -7.14 1.32
CA ALA A 100 -7.65 -8.21 0.78
C ALA A 100 -7.06 -8.82 -0.47
N LEU A 101 -6.14 -8.13 -1.16
CA LEU A 101 -5.60 -8.60 -2.42
C LEU A 101 -4.13 -8.96 -2.36
N ARG A 102 -3.41 -8.60 -1.30
CA ARG A 102 -2.02 -9.01 -1.17
C ARG A 102 -1.93 -10.39 -0.53
N THR A 106 -2.42 -17.32 -3.66
CA THR A 106 -2.30 -17.97 -4.95
C THR A 106 -3.52 -17.69 -5.82
N ALA A 107 -4.71 -17.82 -5.24
CA ALA A 107 -5.96 -17.66 -5.95
C ALA A 107 -6.82 -16.61 -5.27
N VAL A 108 -7.50 -15.80 -6.09
CA VAL A 108 -8.25 -14.65 -5.60
C VAL A 108 -9.48 -14.45 -6.49
N GLN A 109 -10.65 -14.42 -5.87
CA GLN A 109 -11.90 -14.15 -6.56
C GLN A 109 -12.42 -12.77 -6.14
N MET A 110 -12.64 -11.90 -7.13
CA MET A 110 -13.13 -10.56 -6.89
C MET A 110 -14.45 -10.35 -7.63
N ARG A 111 -15.29 -9.50 -7.05
CA ARG A 111 -16.61 -9.17 -7.59
C ARG A 111 -16.66 -7.66 -7.79
N VAL A 112 -16.89 -7.22 -9.03
CA VAL A 112 -16.71 -5.83 -9.41
C VAL A 112 -17.92 -5.31 -10.18
N TRP A 113 -18.07 -3.99 -10.17
CA TRP A 113 -19.10 -3.28 -10.90
C TRP A 113 -18.48 -2.56 -12.09
N ARG A 114 -19.21 -2.54 -13.22
CA ARG A 114 -18.71 -1.98 -14.46
C ARG A 114 -19.65 -0.90 -14.98
N GLU A 115 -19.07 0.20 -15.44
CA GLU A 115 -19.81 1.35 -15.95
C GLU A 115 -21.07 1.62 -15.13
N LEU B 16 28.60 -16.89 13.83
CA LEU B 16 29.62 -17.22 12.84
C LEU B 16 30.79 -16.24 12.92
N LEU B 17 32.01 -16.77 12.78
CA LEU B 17 33.22 -16.00 12.98
C LEU B 17 34.10 -16.10 11.73
N ILE B 18 34.62 -14.96 11.29
CA ILE B 18 35.53 -14.91 10.15
C ILE B 18 36.76 -15.78 10.43
N PRO B 20 32.03 -11.06 13.67
CA PRO B 20 33.21 -10.33 13.19
C PRO B 20 32.98 -8.82 13.13
N ALA B 21 32.64 -8.33 11.94
CA ALA B 21 32.37 -6.90 11.75
C ALA B 21 30.86 -6.67 11.72
N ARG B 22 30.27 -6.74 12.91
CA ARG B 22 28.84 -6.50 13.06
C ARG B 22 28.53 -5.01 12.99
N ILE B 23 27.26 -4.70 12.75
CA ILE B 23 26.78 -3.34 12.59
C ILE B 23 25.86 -2.92 13.73
N GLU B 24 25.61 -3.80 14.69
CA GLU B 24 24.77 -3.54 15.87
C GLU B 24 23.93 -2.27 15.79
N GLU B 26 22.49 1.99 12.98
CA GLU B 26 22.72 2.40 11.60
C GLU B 26 21.59 3.31 11.13
N GLU B 27 21.95 4.37 10.41
CA GLU B 27 20.99 5.31 9.84
C GLU B 27 21.29 5.48 8.36
N LEU B 28 20.26 5.34 7.53
CA LEU B 28 20.38 5.49 6.09
C LEU B 28 19.39 6.54 5.59
N THR B 29 19.75 7.18 4.49
CA THR B 29 18.86 8.12 3.79
C THR B 29 18.49 7.46 2.46
N LEU B 30 17.30 6.88 2.41
CA LEU B 30 16.86 6.11 1.24
C LEU B 30 16.13 7.02 0.26
N THR B 31 16.59 7.02 -0.99
CA THR B 31 15.97 7.79 -2.07
C THR B 31 15.06 6.86 -2.85
N ILE B 32 13.76 7.12 -2.80
CA ILE B 32 12.76 6.29 -3.45
C ILE B 32 12.17 7.06 -4.62
N LEU B 33 12.03 6.38 -5.76
CA LEU B 33 11.48 6.98 -6.97
C LEU B 33 10.09 6.41 -7.21
N ARG B 34 9.11 7.30 -7.35
CA ARG B 34 7.72 6.91 -7.48
C ARG B 34 7.31 6.78 -8.95
N GLY B 38 2.56 4.80 -6.41
CA GLY B 38 2.78 4.65 -4.98
C GLY B 38 4.25 4.52 -4.63
N LEU B 39 4.52 4.28 -3.35
CA LEU B 39 5.89 4.08 -2.87
C LEU B 39 6.20 2.62 -2.55
N GLY B 40 5.18 1.78 -2.38
CA GLY B 40 5.40 0.37 -2.18
C GLY B 40 5.71 -0.03 -0.76
N ILE B 41 5.11 0.64 0.22
CA ILE B 41 5.32 0.35 1.63
C ILE B 41 4.01 0.48 2.38
N SER B 42 3.98 -0.09 3.59
CA SER B 42 2.84 0.01 4.50
C SER B 42 3.37 0.50 5.84
N ILE B 43 3.12 1.76 6.17
CA ILE B 43 3.57 2.31 7.45
C ILE B 43 2.63 1.84 8.55
N ALA B 44 3.16 1.74 9.76
CA ALA B 44 2.36 1.27 10.90
C ALA B 44 2.83 2.00 12.15
N GLY B 45 1.88 2.33 13.02
CA GLY B 45 2.18 2.96 14.28
C GLY B 45 1.94 4.46 14.25
N GLY B 46 2.18 5.07 15.40
CA GLY B 46 1.98 6.50 15.56
C GLY B 46 2.01 6.87 17.02
N LYS B 47 1.99 8.18 17.27
CA LYS B 47 1.99 8.70 18.63
C LYS B 47 0.56 8.67 19.16
N GLY B 48 0.34 7.91 20.24
CA GLY B 48 -0.97 7.70 20.79
C GLY B 48 -1.63 6.41 20.37
N SER B 49 -1.02 5.66 19.45
CA SER B 49 -1.55 4.39 18.98
C SER B 49 -0.83 3.24 19.67
N THR B 50 -1.22 2.01 19.32
CA THR B 50 -0.60 0.84 19.93
C THR B 50 0.71 0.53 19.24
N PRO B 51 1.77 0.24 19.97
CA PRO B 51 3.11 0.23 19.35
C PRO B 51 3.32 -0.97 18.44
N TYR B 52 4.27 -0.79 17.51
CA TYR B 52 4.72 -1.85 16.63
C TYR B 52 6.04 -2.46 17.09
N LYS B 53 6.63 -1.94 18.17
CA LYS B 53 7.89 -2.46 18.70
C LYS B 53 7.94 -2.11 20.18
N GLY B 54 7.76 -3.10 21.04
CA GLY B 54 7.79 -2.87 22.47
C GLY B 54 6.91 -1.72 22.92
N ASP B 55 7.52 -0.69 23.51
CA ASP B 55 6.80 0.47 24.00
C ASP B 55 7.07 1.71 23.15
N ASP B 56 7.71 1.56 22.00
CA ASP B 56 8.04 2.69 21.12
C ASP B 56 6.97 2.86 20.06
N GLU B 57 6.57 4.11 19.83
CA GLU B 57 5.40 4.44 19.05
C GLU B 57 5.70 5.03 17.69
N GLY B 58 6.97 5.13 17.30
CA GLY B 58 7.30 5.79 16.05
C GLY B 58 6.64 5.11 14.85
N ILE B 59 6.45 5.90 13.79
CA ILE B 59 5.92 5.36 12.55
C ILE B 59 6.94 4.36 12.01
N PHE B 60 6.48 3.13 11.76
CA PHE B 60 7.34 2.04 11.34
C PHE B 60 7.01 1.60 9.92
N ILE B 61 7.96 0.91 9.31
CA ILE B 61 7.75 0.23 8.04
C ILE B 61 7.40 -1.22 8.38
N SER B 62 6.17 -1.63 8.08
CA SER B 62 5.67 -2.94 8.48
C SER B 62 5.67 -3.96 7.36
N ARG B 63 5.41 -3.53 6.12
CA ARG B 63 5.35 -4.46 4.99
C ARG B 63 5.83 -3.74 3.74
N VAL B 64 6.80 -4.33 3.06
CA VAL B 64 7.38 -3.77 1.83
C VAL B 64 6.97 -4.67 0.67
N SER B 65 6.40 -4.07 -0.37
CA SER B 65 5.92 -4.82 -1.52
C SER B 65 7.07 -5.13 -2.47
N GLU B 66 7.23 -6.40 -2.81
CA GLU B 66 8.28 -6.81 -3.73
C GLU B 66 8.09 -6.15 -5.08
N GLU B 67 9.21 -5.95 -5.79
CA GLU B 67 9.21 -5.28 -7.09
C GLU B 67 8.54 -3.91 -7.00
N GLY B 68 8.69 -3.26 -5.84
CA GLY B 68 8.06 -1.98 -5.61
C GLY B 68 9.05 -0.84 -5.58
N PRO B 69 8.53 0.39 -5.59
CA PRO B 69 9.43 1.55 -5.56
C PRO B 69 10.34 1.58 -4.34
N ALA B 70 9.82 1.20 -3.18
CA ALA B 70 10.61 1.27 -1.95
C ALA B 70 11.57 0.09 -1.84
N ALA B 71 11.11 -1.12 -2.15
CA ALA B 71 11.97 -2.29 -2.05
C ALA B 71 13.22 -2.12 -2.91
N ARG B 72 13.06 -1.66 -4.15
CA ARG B 72 14.20 -1.46 -5.03
C ARG B 72 15.14 -0.38 -4.53
N ALA B 73 14.63 0.57 -3.72
CA ALA B 73 15.45 1.66 -3.23
C ALA B 73 16.21 1.30 -1.96
N GLY B 74 15.87 0.20 -1.30
CA GLY B 74 16.61 -0.28 -0.14
C GLY B 74 15.84 -0.33 1.16
N VAL B 75 14.55 -0.01 1.18
CA VAL B 75 13.78 -0.08 2.42
C VAL B 75 13.63 -1.55 2.84
N ARG B 76 13.68 -1.79 4.15
CA ARG B 76 13.54 -3.13 4.70
C ARG B 76 12.48 -3.10 5.79
N VAL B 77 11.73 -4.21 5.91
CA VAL B 77 10.67 -4.27 6.89
C VAL B 77 11.24 -4.14 8.30
N GLY B 78 10.57 -3.35 9.12
CA GLY B 78 10.98 -3.13 10.49
C GLY B 78 11.70 -1.82 10.75
N ASP B 79 11.86 -0.98 9.74
CA ASP B 79 12.61 0.27 9.90
C ASP B 79 11.75 1.32 10.60
N LYS B 80 12.43 2.30 11.20
CA LYS B 80 11.80 3.36 11.97
C LYS B 80 11.87 4.65 11.17
N LEU B 81 10.72 5.23 10.86
CA LEU B 81 10.66 6.47 10.08
C LEU B 81 11.09 7.63 10.98
N LEU B 82 12.32 8.10 10.78
CA LEU B 82 12.87 9.21 11.56
C LEU B 82 12.69 10.55 10.85
N GLU B 83 12.99 10.61 9.56
CA GLU B 83 12.95 11.86 8.82
C GLU B 83 12.55 11.55 7.39
N VAL B 84 11.52 12.24 6.90
CA VAL B 84 10.98 12.05 5.57
C VAL B 84 10.93 13.41 4.90
N ASN B 85 11.74 13.60 3.85
CA ASN B 85 11.84 14.89 3.18
C ASN B 85 12.35 15.98 4.12
N GLY B 86 13.22 15.59 5.07
CA GLY B 86 13.75 16.51 6.03
C GLY B 86 12.85 16.78 7.22
N VAL B 87 11.57 16.43 7.14
CA VAL B 87 10.64 16.61 8.26
C VAL B 87 10.69 15.36 9.13
N ALA B 88 10.93 15.56 10.43
CA ALA B 88 11.12 14.46 11.35
C ALA B 88 9.76 13.88 11.74
N LEU B 89 9.50 12.64 11.35
CA LEU B 89 8.28 11.94 11.74
C LEU B 89 8.47 11.08 12.99
N GLN B 90 9.60 11.22 13.67
CA GLN B 90 9.83 10.57 14.95
C GLN B 90 9.12 11.38 16.02
N GLY B 91 8.03 10.83 16.56
CA GLY B 91 7.16 11.59 17.44
C GLY B 91 6.03 12.28 16.74
N ALA B 92 5.64 11.83 15.55
CA ALA B 92 4.53 12.38 14.81
C ALA B 92 3.29 11.50 14.99
N GLU B 93 2.13 12.07 14.68
CA GLU B 93 0.89 11.35 14.88
C GLU B 93 0.66 10.35 13.76
N HIS B 94 -0.36 9.50 13.95
CA HIS B 94 -0.63 8.43 12.99
C HIS B 94 -0.80 8.97 11.58
N HIS B 95 -1.62 10.00 11.42
CA HIS B 95 -1.94 10.47 10.07
C HIS B 95 -0.80 11.24 9.43
N GLU B 96 -0.04 12.00 10.22
CA GLU B 96 0.90 12.96 9.66
C GLU B 96 1.93 12.29 8.73
N ALA B 97 2.35 11.08 9.08
CA ALA B 97 3.34 10.39 8.24
C ALA B 97 2.75 10.07 6.86
N VAL B 98 1.48 9.70 6.82
CA VAL B 98 0.86 9.34 5.54
C VAL B 98 0.77 10.56 4.64
N GLU B 99 0.45 11.72 5.20
CA GLU B 99 0.37 12.94 4.40
C GLU B 99 1.75 13.40 3.93
N ALA B 100 2.81 12.97 4.63
CA ALA B 100 4.16 13.33 4.22
C ALA B 100 4.60 12.56 2.98
N LEU B 101 4.23 11.27 2.90
CA LEU B 101 4.73 10.38 1.87
C LEU B 101 3.85 10.33 0.63
N ARG B 102 2.77 11.10 0.57
CA ARG B 102 1.75 10.92 -0.45
C ARG B 102 1.53 12.19 -1.26
N GLY B 103 1.62 12.04 -2.59
CA GLY B 103 1.35 13.13 -3.50
C GLY B 103 0.84 12.63 -4.85
N GLY B 105 4.14 14.41 -5.71
CA GLY B 105 5.53 14.66 -6.02
C GLY B 105 6.15 13.57 -6.88
N THR B 106 7.45 13.69 -7.14
CA THR B 106 8.18 12.74 -7.97
C THR B 106 8.95 11.70 -7.18
N ALA B 107 9.52 12.08 -6.04
CA ALA B 107 10.32 11.16 -5.23
C ALA B 107 10.14 11.51 -3.75
N VAL B 108 10.75 10.69 -2.89
CA VAL B 108 10.71 10.87 -1.45
C VAL B 108 12.07 10.49 -0.89
N GLN B 109 12.64 11.36 -0.05
CA GLN B 109 13.91 11.09 0.62
C GLN B 109 13.59 10.68 2.05
N MET B 110 13.89 9.43 2.40
CA MET B 110 13.45 8.82 3.63
C MET B 110 14.65 8.35 4.44
N ARG B 111 14.68 8.74 5.71
CA ARG B 111 15.75 8.38 6.64
C ARG B 111 15.22 7.32 7.60
N VAL B 112 16.00 6.26 7.79
CA VAL B 112 15.55 5.11 8.57
C VAL B 112 16.64 4.69 9.56
N TRP B 113 16.26 3.77 10.44
CA TRP B 113 17.11 3.27 11.52
C TRP B 113 16.79 1.80 11.72
N ARG B 114 17.81 0.95 11.73
CA ARG B 114 17.61 -0.49 11.70
C ARG B 114 18.12 -1.14 12.98
N GLU B 115 17.46 -2.23 13.34
CA GLU B 115 17.68 -2.97 14.58
C GLU B 115 18.69 -4.10 14.41
N ARG B 116 19.44 -4.11 13.32
CA ARG B 116 20.37 -5.20 13.03
C ARG B 116 19.63 -6.48 12.67
N ALA C 1 -0.43 -8.69 14.89
CA ALA C 1 -0.07 -7.63 15.83
C ALA C 1 -1.02 -6.44 15.69
N ARG C 2 -1.74 -6.12 16.77
CA ARG C 2 -2.64 -4.99 16.77
C ARG C 2 -1.85 -3.71 16.48
N THR C 3 -2.23 -3.01 15.42
CA THR C 3 -1.54 -1.77 15.08
C THR C 3 -2.35 -1.02 14.03
N ILE C 4 -1.98 0.24 13.81
CA ILE C 4 -2.67 1.11 12.89
C ILE C 4 -1.95 1.12 11.54
N GLU C 5 -2.11 0.05 10.78
CA GLU C 5 -1.61 0.03 9.40
C GLU C 5 -2.20 1.21 8.64
N SER C 6 -1.45 1.67 7.63
CA SER C 6 -1.97 2.67 6.71
C SER C 6 -1.33 2.45 5.35
N GLU C 7 -1.91 3.12 4.35
CA GLU C 7 -1.72 2.71 2.97
C GLU C 7 -0.39 3.20 2.38
N VAL C 8 -0.30 4.47 2.04
CA VAL C 8 0.78 5.02 1.23
C VAL C 8 0.97 4.24 -0.08
N ILE D 4 -3.89 7.56 -5.47
CA ILE D 4 -2.84 6.66 -5.01
C ILE D 4 -2.95 5.31 -5.71
N GLU D 5 -2.04 5.05 -6.63
CA GLU D 5 -1.96 3.77 -7.31
C GLU D 5 -1.05 2.84 -6.50
N SER D 6 -1.64 1.84 -5.86
CA SER D 6 -0.90 0.84 -5.11
C SER D 6 -0.76 -0.43 -5.93
N GLU D 7 0.44 -1.01 -5.90
CA GLU D 7 0.73 -2.20 -6.68
C GLU D 7 0.21 -3.44 -5.98
N VAL D 8 -0.47 -4.30 -6.72
CA VAL D 8 -0.95 -5.57 -6.17
C VAL D 8 -0.88 -6.65 -7.26
#